data_2IVU
#
_entry.id   2IVU
#
_cell.length_a   71.409
_cell.length_b   71.420
_cell.length_c   78.834
_cell.angle_alpha   90.00
_cell.angle_beta   101.23
_cell.angle_gamma   90.00
#
_symmetry.space_group_name_H-M   'C 1 2 1'
#
loop_
_entity.id
_entity.type
_entity.pdbx_description
1 polymer 'PROTO-ONCOGENE TYROSINE-PROTEIN KINASE RECEPTOR RET PRECURSOR'
2 non-polymer 'FORMIC ACID'
3 non-polymer Vandetanib
4 water water
#
_entity_poly.entity_id   1
_entity_poly.type   'polypeptide(L)'
_entity_poly.pdbx_seq_one_letter_code
;GPLSLSVDAFKILEDPKWEFPRKNLVLGKTLGEGEFGKVVKATAFHLKGRAGYTTVAVKMLKENASPSELRDLLSEFNVL
KQVNHPHVIKLYGACSQDGPLLLIVEYAKYGSLRGFLRESRKVGPGYLGSGGSRNSSSLDHPDERALTMGDLISFAWQIS
QGMQYLAEMKLVHRDLAARNILVAEGRKMKISDFGLSRDVYEEDS(PTR)VKRSQGRIPVKWMAIESLFDHIYTTQSDVW
SFGVLLWEIVTLGGNPYPGIPPERLFNLLKTGHRMERPDNCSEEMYRLMLQCWKQEPDKRPVFADISKDLEKMMVKRR
;
_entity_poly.pdbx_strand_id   A
#
loop_
_chem_comp.id
_chem_comp.type
_chem_comp.name
_chem_comp.formula
FMT non-polymer 'FORMIC ACID' 'C H2 O2'
ZD6 non-polymer Vandetanib 'C22 H24 Br F N4 O2'
#
# COMPACT_ATOMS: atom_id res chain seq x y z
N GLY A 1 6.06 -12.00 -25.38
CA GLY A 1 6.27 -10.63 -24.92
C GLY A 1 6.83 -10.68 -23.52
N PRO A 2 6.90 -9.53 -22.84
CA PRO A 2 7.49 -9.47 -21.50
C PRO A 2 6.82 -10.39 -20.52
N LEU A 3 5.50 -10.57 -20.64
CA LEU A 3 4.78 -11.43 -19.69
C LEU A 3 5.03 -12.92 -19.91
N SER A 4 5.01 -13.33 -21.17
CA SER A 4 5.21 -14.73 -21.50
C SER A 4 6.61 -15.13 -21.05
N LEU A 5 7.57 -14.23 -21.18
CA LEU A 5 8.95 -14.46 -20.71
C LEU A 5 8.97 -14.64 -19.20
N SER A 6 8.31 -13.73 -18.47
CA SER A 6 8.21 -13.79 -17.01
C SER A 6 7.53 -15.05 -16.57
N VAL A 7 6.50 -15.47 -17.30
CA VAL A 7 5.72 -16.61 -16.85
C VAL A 7 6.56 -17.87 -16.99
N ASP A 8 7.28 -17.96 -18.11
CA ASP A 8 8.12 -19.09 -18.40
C ASP A 8 9.32 -19.21 -17.44
N ALA A 9 9.96 -18.06 -17.15
CA ALA A 9 11.15 -17.98 -16.28
C ALA A 9 10.81 -18.39 -14.85
N PHE A 10 9.66 -17.85 -14.45
CA PHE A 10 9.05 -18.12 -13.18
C PHE A 10 8.78 -19.61 -13.06
N LYS A 11 7.97 -20.15 -13.99
CA LYS A 11 7.52 -21.55 -14.01
C LYS A 11 8.68 -22.56 -14.19
N ILE A 12 9.90 -22.12 -13.90
CA ILE A 12 11.12 -22.89 -14.07
C ILE A 12 12.20 -22.51 -13.03
N LEU A 13 11.85 -21.71 -12.03
CA LEU A 13 12.83 -21.22 -11.03
C LEU A 13 13.08 -22.28 -9.94
N ASP A 15 13.22 -20.82 -6.38
CA ASP A 15 13.57 -20.67 -4.97
C ASP A 15 12.62 -21.49 -4.04
N PRO A 16 13.02 -22.74 -3.68
CA PRO A 16 12.39 -23.59 -2.65
C PRO A 16 12.09 -22.88 -1.33
N LYS A 17 12.88 -21.86 -0.99
CA LYS A 17 12.61 -21.02 0.17
C LYS A 17 11.18 -20.44 0.07
N TRP A 18 10.72 -20.13 -1.14
CA TRP A 18 9.40 -19.51 -1.29
C TRP A 18 8.24 -20.43 -1.77
N GLU A 19 8.52 -21.69 -2.07
CA GLU A 19 7.51 -22.65 -2.52
C GLU A 19 6.80 -23.28 -1.35
N PHE A 20 5.46 -23.24 -1.34
CA PHE A 20 4.71 -23.91 -0.30
C PHE A 20 3.85 -25.02 -0.94
N PRO A 21 3.77 -26.21 -0.32
CA PRO A 21 2.99 -27.24 -0.98
C PRO A 21 1.50 -26.96 -0.93
N ARG A 22 0.85 -26.89 -2.08
CA ARG A 22 -0.60 -26.65 -2.13
C ARG A 22 -1.41 -27.54 -1.16
N LYS A 23 -0.99 -28.79 -1.01
CA LYS A 23 -1.75 -29.79 -0.23
C LYS A 23 -1.74 -29.48 1.29
N ASN A 24 -0.82 -28.60 1.74
CA ASN A 24 -0.82 -28.05 3.11
C ASN A 24 -1.47 -26.66 3.27
N LEU A 25 -2.14 -26.18 2.21
CA LEU A 25 -2.93 -24.94 2.34
C LEU A 25 -4.41 -25.22 2.22
N VAL A 26 -5.20 -24.66 3.13
CA VAL A 26 -6.67 -24.81 3.11
C VAL A 26 -7.28 -23.43 3.05
N LEU A 27 -8.10 -23.19 2.03
CA LEU A 27 -8.63 -21.85 1.77
C LEU A 27 -10.00 -21.69 2.39
N GLY A 28 -10.34 -20.45 2.73
CA GLY A 28 -11.56 -20.11 3.48
C GLY A 28 -12.32 -18.96 2.87
N LYS A 29 -12.93 -18.15 3.72
CA LYS A 29 -13.85 -17.11 3.25
C LYS A 29 -13.10 -15.99 2.55
N THR A 30 -13.81 -15.33 1.64
CA THR A 30 -13.25 -14.17 0.93
C THR A 30 -13.18 -12.97 1.87
N LEU A 31 -12.01 -12.38 2.00
CA LEU A 31 -11.81 -11.20 2.84
C LEU A 31 -12.01 -9.90 2.05
N GLY A 32 -11.66 -9.95 0.76
CA GLY A 32 -11.69 -8.79 -0.13
C GLY A 32 -11.36 -9.10 -1.58
N GLU A 33 -11.90 -8.26 -2.46
CA GLU A 33 -11.63 -8.26 -3.90
C GLU A 33 -11.31 -6.81 -4.22
N GLY A 34 -10.28 -6.61 -5.03
CA GLY A 34 -9.86 -5.27 -5.51
C GLY A 34 -9.75 -5.32 -7.03
N GLU A 35 -9.08 -4.35 -7.63
CA GLU A 35 -9.07 -4.23 -9.11
C GLU A 35 -8.12 -5.25 -9.76
N PHE A 36 -7.22 -5.80 -8.93
CA PHE A 36 -6.12 -6.64 -9.41
C PHE A 36 -6.15 -8.10 -8.90
N GLY A 37 -6.66 -8.33 -7.68
CA GLY A 37 -6.68 -9.66 -7.08
C GLY A 37 -7.73 -9.86 -5.99
N LYS A 38 -7.80 -11.08 -5.50
CA LYS A 38 -8.80 -11.43 -4.53
C LYS A 38 -8.06 -12.07 -3.36
N VAL A 39 -8.47 -11.70 -2.14
CA VAL A 39 -7.81 -12.19 -0.93
C VAL A 39 -8.75 -13.13 -0.16
N VAL A 40 -8.25 -14.29 0.26
CA VAL A 40 -9.04 -15.18 1.10
C VAL A 40 -8.37 -15.46 2.46
N LYS A 41 -9.18 -15.81 3.45
CA LYS A 41 -8.62 -16.28 4.70
C LYS A 41 -8.24 -17.73 4.45
N ALA A 42 -7.18 -18.19 5.10
CA ALA A 42 -6.62 -19.49 4.83
C ALA A 42 -5.86 -19.99 6.07
N THR A 43 -5.43 -21.26 6.01
CA THR A 43 -4.64 -21.84 7.07
C THR A 43 -3.58 -22.69 6.41
N ALA A 44 -2.37 -22.68 6.97
CA ALA A 44 -1.25 -23.37 6.38
C ALA A 44 -0.60 -24.31 7.37
N PHE A 45 -0.41 -25.56 6.95
CA PHE A 45 0.18 -26.60 7.80
C PHE A 45 1.69 -26.67 7.58
N HIS A 46 2.39 -26.59 8.71
CA HIS A 46 3.84 -26.70 8.75
C HIS A 46 4.46 -25.70 7.79
N LEU A 47 4.16 -24.44 8.09
CA LEU A 47 4.62 -23.30 7.34
C LEU A 47 5.97 -22.83 7.89
N LYS A 48 7.01 -22.81 7.05
CA LYS A 48 8.32 -22.23 7.40
C LYS A 48 8.74 -22.55 8.82
N GLY A 49 8.76 -23.83 9.17
CA GLY A 49 9.17 -24.23 10.52
C GLY A 49 8.26 -23.87 11.69
N ARG A 50 7.00 -23.50 11.44
CA ARG A 50 5.98 -23.35 12.51
C ARG A 50 5.21 -24.65 12.62
N ALA A 51 5.12 -25.20 13.81
CA ALA A 51 4.41 -26.48 13.99
C ALA A 51 2.88 -26.29 13.86
N GLY A 52 2.18 -27.31 13.40
CA GLY A 52 0.72 -27.23 13.29
C GLY A 52 0.25 -26.24 12.24
N TYR A 53 -1.01 -25.79 12.36
CA TYR A 53 -1.55 -24.79 11.44
C TYR A 53 -1.20 -23.36 11.84
N THR A 54 -1.11 -22.51 10.83
CA THR A 54 -0.97 -21.09 11.00
C THR A 54 -2.03 -20.44 10.13
N THR A 55 -2.87 -19.63 10.77
CA THR A 55 -3.80 -18.71 10.08
C THR A 55 -3.07 -17.64 9.23
N VAL A 56 -3.39 -17.62 7.94
CA VAL A 56 -2.75 -16.74 6.95
C VAL A 56 -3.76 -16.07 6.01
N ALA A 57 -3.31 -15.10 5.23
CA ALA A 57 -4.16 -14.62 4.11
C ALA A 57 -3.51 -14.98 2.78
N VAL A 58 -4.36 -15.24 1.79
CA VAL A 58 -3.91 -15.66 0.46
C VAL A 58 -4.51 -14.74 -0.61
N LYS A 59 -3.63 -14.15 -1.43
CA LYS A 59 -4.02 -13.42 -2.63
C LYS A 59 -3.90 -14.26 -3.89
N MET A 60 -4.87 -14.11 -4.79
CA MET A 60 -4.93 -14.90 -6.02
C MET A 60 -5.57 -14.04 -7.10
N LEU A 61 -5.51 -14.48 -8.35
CA LEU A 61 -6.21 -13.77 -9.44
C LEU A 61 -7.72 -13.95 -9.30
N LYS A 62 -8.49 -12.90 -9.61
CA LYS A 62 -9.95 -13.02 -9.84
C LYS A 62 -10.28 -13.88 -11.07
N GLU A 63 -11.54 -14.30 -11.16
CA GLU A 63 -12.11 -14.84 -12.38
C GLU A 63 -11.71 -13.93 -13.56
N ASN A 64 -11.34 -14.54 -14.70
CA ASN A 64 -11.16 -13.78 -15.94
C ASN A 64 -10.11 -12.67 -15.83
N ALA A 65 -8.98 -13.06 -15.27
CA ALA A 65 -7.81 -12.21 -15.10
C ALA A 65 -7.26 -11.82 -16.47
N SER A 66 -6.81 -10.58 -16.59
CA SER A 66 -6.18 -10.08 -17.79
C SER A 66 -4.66 -10.20 -17.63
N PRO A 67 -3.90 -10.07 -18.73
CA PRO A 67 -2.44 -10.13 -18.59
C PRO A 67 -1.90 -9.13 -17.57
N SER A 68 -2.54 -7.99 -17.55
CA SER A 68 -2.21 -6.91 -16.68
C SER A 68 -2.28 -7.34 -15.23
N GLU A 69 -3.37 -7.99 -14.83
CA GLU A 69 -3.53 -8.40 -13.45
C GLU A 69 -2.56 -9.51 -13.08
N LEU A 70 -2.33 -10.43 -14.01
CA LEU A 70 -1.30 -11.43 -13.85
C LEU A 70 0.13 -10.82 -13.76
N ARG A 71 0.48 -9.78 -14.55
CA ARG A 71 1.81 -9.15 -14.38
C ARG A 71 1.94 -8.61 -12.96
N ASP A 72 0.87 -7.98 -12.49
CA ASP A 72 0.76 -7.38 -11.16
C ASP A 72 0.92 -8.36 -10.02
N LEU A 73 0.24 -9.48 -10.08
CA LEU A 73 0.43 -10.54 -9.08
C LEU A 73 1.88 -11.04 -9.05
N LEU A 74 2.46 -11.34 -10.22
CA LEU A 74 3.85 -11.83 -10.31
C LEU A 74 4.82 -10.84 -9.69
N SER A 75 4.56 -9.58 -9.94
CA SER A 75 5.43 -8.49 -9.60
C SER A 75 5.34 -8.17 -8.09
N GLU A 76 4.12 -8.09 -7.57
CA GLU A 76 3.89 -8.06 -6.13
C GLU A 76 4.68 -9.16 -5.41
N PHE A 77 4.68 -10.37 -5.97
CA PHE A 77 5.40 -11.53 -5.41
C PHE A 77 6.90 -11.31 -5.41
N ASN A 78 7.40 -10.85 -6.56
CA ASN A 78 8.80 -10.48 -6.75
C ASN A 78 9.33 -9.36 -5.80
N VAL A 79 8.48 -8.37 -5.48
CA VAL A 79 8.80 -7.29 -4.53
C VAL A 79 8.71 -7.77 -3.10
N LEU A 80 7.64 -8.50 -2.76
CA LEU A 80 7.47 -9.07 -1.44
C LEU A 80 8.61 -9.97 -0.98
N LYS A 81 9.26 -10.69 -1.89
CA LYS A 81 10.45 -11.49 -1.60
C LYS A 81 11.63 -10.63 -1.10
N GLN A 82 11.64 -9.35 -1.42
CA GLN A 82 12.82 -8.52 -1.21
C GLN A 82 12.75 -7.62 0.02
N VAL A 83 11.55 -7.45 0.56
CA VAL A 83 11.32 -6.50 1.65
C VAL A 83 11.01 -7.14 3.00
N ASN A 84 11.58 -6.54 4.05
CA ASN A 84 11.47 -6.98 5.43
C ASN A 84 11.49 -5.78 6.30
N HIS A 85 10.38 -5.58 6.97
CA HIS A 85 10.23 -4.44 7.84
C HIS A 85 9.04 -4.72 8.74
N PRO A 86 9.14 -4.26 10.00
CA PRO A 86 8.03 -4.51 10.92
C PRO A 86 6.72 -3.88 10.44
N HIS A 87 6.82 -2.92 9.52
CA HIS A 87 5.63 -2.21 9.02
C HIS A 87 5.34 -2.39 7.54
N VAL A 88 5.89 -3.44 6.96
CA VAL A 88 5.54 -3.92 5.65
C VAL A 88 4.97 -5.35 5.83
N ILE A 89 3.88 -5.66 5.15
CA ILE A 89 3.26 -7.00 5.19
C ILE A 89 4.30 -8.11 4.95
N LYS A 90 4.26 -9.17 5.77
CA LYS A 90 5.24 -10.25 5.63
C LYS A 90 4.77 -11.38 4.75
N LEU A 91 5.63 -11.74 3.80
CA LEU A 91 5.42 -12.81 2.84
C LEU A 91 5.92 -14.15 3.37
N TYR A 92 5.11 -15.21 3.28
CA TYR A 92 5.53 -16.57 3.64
C TYR A 92 5.88 -17.48 2.47
N GLY A 93 5.20 -17.33 1.35
CA GLY A 93 5.52 -18.11 0.16
C GLY A 93 4.44 -18.02 -0.91
N ALA A 94 4.48 -18.92 -1.86
CA ALA A 94 3.44 -19.01 -2.87
C ALA A 94 3.26 -20.46 -3.20
N CYS A 95 2.05 -20.83 -3.60
CA CYS A 95 1.84 -22.07 -4.33
C CYS A 95 1.81 -21.71 -5.80
N SER A 96 2.71 -22.26 -6.59
CA SER A 96 2.75 -21.89 -8.01
C SER A 96 2.72 -23.05 -9.03
N GLN A 97 2.92 -24.28 -8.55
CA GLN A 97 3.23 -25.43 -9.39
C GLN A 97 2.03 -25.85 -10.22
N ASP A 98 1.23 -26.77 -9.68
CA ASP A 98 0.00 -27.19 -10.38
C ASP A 98 -1.16 -26.51 -9.61
N GLY A 99 -1.94 -25.69 -10.31
CA GLY A 99 -2.97 -24.87 -9.70
C GLY A 99 -2.70 -23.39 -9.91
N PRO A 100 -3.65 -22.55 -9.58
CA PRO A 100 -3.43 -21.11 -9.71
C PRO A 100 -2.38 -20.58 -8.73
N LEU A 101 -1.76 -19.45 -9.09
CA LEU A 101 -0.79 -18.78 -8.23
C LEU A 101 -1.51 -18.17 -7.03
N LEU A 102 -0.97 -18.50 -5.85
CA LEU A 102 -1.50 -18.10 -4.58
C LEU A 102 -0.35 -17.53 -3.76
N LEU A 103 -0.44 -16.27 -3.37
CA LEU A 103 0.56 -15.64 -2.50
C LEU A 103 0.05 -15.70 -1.06
N ILE A 104 0.94 -16.13 -0.17
CA ILE A 104 0.63 -16.39 1.23
C ILE A 104 1.37 -15.37 2.11
N VAL A 105 0.60 -14.64 2.91
CA VAL A 105 1.15 -13.60 3.71
C VAL A 105 0.64 -13.79 5.13
N GLU A 106 1.33 -13.15 6.07
CA GLU A 106 0.90 -13.12 7.45
C GLU A 106 -0.47 -12.44 7.56
N TYR A 107 -1.37 -13.06 8.32
CA TYR A 107 -2.68 -12.51 8.54
C TYR A 107 -2.68 -11.29 9.46
N ALA A 108 -3.38 -10.23 9.05
CA ALA A 108 -3.52 -9.00 9.81
C ALA A 108 -4.89 -8.99 10.46
N LYS A 109 -4.92 -9.26 11.76
CA LYS A 109 -6.18 -9.30 12.56
C LYS A 109 -7.31 -8.30 12.21
N TYR A 110 -6.99 -7.02 12.01
CA TYR A 110 -8.05 -6.01 11.85
C TYR A 110 -8.36 -5.62 10.41
N GLY A 111 -7.63 -6.19 9.46
CA GLY A 111 -7.88 -5.95 8.04
C GLY A 111 -7.42 -4.58 7.63
N SER A 112 -8.09 -3.97 6.68
CA SER A 112 -7.61 -2.74 6.12
C SER A 112 -7.77 -1.57 7.11
N LEU A 113 -6.80 -0.66 7.08
CA LEU A 113 -6.81 0.53 7.89
C LEU A 113 -8.11 1.33 7.70
N ARG A 114 -8.57 1.46 6.46
CA ARG A 114 -9.80 2.23 6.21
C ARG A 114 -10.99 1.57 6.94
N GLY A 115 -11.11 0.26 6.80
CA GLY A 115 -12.17 -0.48 7.47
C GLY A 115 -12.04 -0.28 8.98
N PHE A 116 -10.81 -0.39 9.47
CA PHE A 116 -10.49 -0.19 10.87
C PHE A 116 -10.92 1.19 11.37
N LEU A 117 -10.61 2.23 10.61
CA LEU A 117 -10.99 3.59 10.95
C LEU A 117 -12.49 3.79 10.86
N ARG A 118 -13.11 3.27 9.80
CA ARG A 118 -14.53 3.54 9.60
C ARG A 118 -15.39 2.90 10.69
N GLU A 119 -14.87 1.84 11.31
CA GLU A 119 -15.59 1.14 12.39
C GLU A 119 -15.31 1.80 13.74
N SER A 120 -14.57 2.92 13.74
CA SER A 120 -14.18 3.65 14.94
C SER A 120 -14.95 4.96 15.21
N ARG A 121 -14.66 5.56 16.38
CA ARG A 121 -15.27 6.82 16.88
C ARG A 121 -14.25 7.96 16.95
N ARG A 145 -12.53 0.88 18.56
CA ARG A 145 -13.67 1.81 18.47
C ARG A 145 -13.32 3.24 18.90
N ALA A 146 -12.83 3.41 20.13
CA ALA A 146 -12.47 4.75 20.63
C ALA A 146 -10.97 4.98 20.45
N LEU A 147 -10.63 5.86 19.51
CA LEU A 147 -9.22 6.14 19.19
C LEU A 147 -8.88 7.59 19.53
N THR A 148 -7.68 7.83 20.02
CA THR A 148 -7.26 9.19 20.34
C THR A 148 -6.48 9.79 19.18
N MET A 149 -6.32 11.11 19.19
CA MET A 149 -5.43 11.73 18.21
C MET A 149 -4.01 11.13 18.27
N GLY A 150 -3.61 10.63 19.44
CA GLY A 150 -2.27 10.04 19.61
C GLY A 150 -2.15 8.70 18.90
N ASP A 151 -3.26 7.96 18.90
CA ASP A 151 -3.39 6.74 18.12
C ASP A 151 -3.27 7.06 16.64
N LEU A 152 -4.01 8.05 16.17
CA LEU A 152 -3.96 8.44 14.75
C LEU A 152 -2.56 8.88 14.29
N ILE A 153 -1.86 9.66 15.14
CA ILE A 153 -0.48 10.08 14.86
C ILE A 153 0.44 8.89 14.87
N SER A 154 0.22 8.00 15.82
CA SER A 154 1.02 6.78 15.90
C SER A 154 0.85 5.94 14.60
N PHE A 155 -0.39 5.82 14.10
CA PHE A 155 -0.67 5.06 12.88
C PHE A 155 0.06 5.65 11.69
N ALA A 156 -0.07 6.95 11.51
CA ALA A 156 0.63 7.68 10.46
C ALA A 156 2.14 7.52 10.61
N TRP A 157 2.64 7.58 11.84
CA TRP A 157 4.08 7.51 12.02
C TRP A 157 4.64 6.13 11.59
N GLN A 158 3.95 5.04 11.95
CA GLN A 158 4.41 3.69 11.63
C GLN A 158 4.51 3.50 10.10
N ILE A 159 3.50 4.01 9.39
CA ILE A 159 3.51 4.02 7.95
C ILE A 159 4.67 4.80 7.37
N SER A 160 4.91 6.00 7.89
CA SER A 160 6.01 6.82 7.40
C SER A 160 7.35 6.13 7.58
N GLN A 161 7.52 5.44 8.72
CA GLN A 161 8.70 4.58 8.94
C GLN A 161 8.80 3.43 7.96
N GLY A 162 7.67 2.79 7.64
CA GLY A 162 7.69 1.78 6.57
C GLY A 162 8.09 2.41 5.25
N MET A 163 7.54 3.59 4.97
CA MET A 163 7.80 4.27 3.71
C MET A 163 9.26 4.71 3.54
N GLN A 164 9.87 5.20 4.62
CA GLN A 164 11.31 5.58 4.60
C GLN A 164 12.19 4.35 4.32
N TYR A 165 11.79 3.19 4.83
CA TYR A 165 12.46 1.95 4.51
C TYR A 165 12.33 1.64 3.01
N LEU A 166 11.10 1.74 2.48
CA LEU A 166 10.87 1.43 1.07
C LEU A 166 11.58 2.45 0.19
N ALA A 167 11.55 3.71 0.58
CA ALA A 167 12.32 4.72 -0.12
C ALA A 167 13.83 4.42 -0.15
N GLU A 168 14.39 3.93 0.96
CA GLU A 168 15.82 3.51 0.99
C GLU A 168 16.15 2.22 0.17
N MET A 169 15.17 1.33 0.02
CA MET A 169 15.31 0.18 -0.89
C MET A 169 15.19 0.66 -2.35
N LYS A 170 14.87 1.93 -2.56
CA LYS A 170 14.70 2.45 -3.93
C LYS A 170 13.47 1.87 -4.67
N LEU A 171 12.38 1.69 -3.91
CA LEU A 171 11.03 1.42 -4.41
C LEU A 171 10.13 2.64 -4.30
N VAL A 172 9.29 2.82 -5.32
CA VAL A 172 8.17 3.73 -5.26
C VAL A 172 6.97 2.81 -5.16
N HIS A 173 6.11 3.04 -4.17
CA HIS A 173 5.02 2.15 -3.93
C HIS A 173 3.84 2.43 -4.90
N ARG A 174 3.54 3.72 -5.14
CA ARG A 174 2.53 4.24 -6.11
C ARG A 174 1.08 4.10 -5.63
N ASP A 175 0.81 3.08 -4.86
CA ASP A 175 -0.56 2.85 -4.39
C ASP A 175 -0.80 3.04 -2.88
N LEU A 176 -0.27 4.11 -2.30
CA LEU A 176 -0.43 4.34 -0.88
C LEU A 176 -1.80 4.91 -0.53
N ALA A 177 -2.54 4.23 0.35
CA ALA A 177 -3.91 4.61 0.64
C ALA A 177 -4.37 3.81 1.81
N ALA A 178 -5.31 4.32 2.60
CA ALA A 178 -5.80 3.59 3.76
C ALA A 178 -6.31 2.18 3.43
N ARG A 179 -6.98 2.02 2.29
CA ARG A 179 -7.39 0.66 1.84
C ARG A 179 -6.24 -0.35 1.58
N ASN A 180 -5.03 0.15 1.35
CA ASN A 180 -3.83 -0.67 1.09
C ASN A 180 -2.84 -0.70 2.25
N ILE A 181 -3.32 -0.37 3.46
CA ILE A 181 -2.56 -0.59 4.68
C ILE A 181 -3.38 -1.54 5.52
N LEU A 182 -2.72 -2.52 6.12
CA LEU A 182 -3.41 -3.44 7.01
C LEU A 182 -3.07 -3.18 8.50
N VAL A 183 -3.96 -3.61 9.37
CA VAL A 183 -3.79 -3.44 10.78
C VAL A 183 -3.70 -4.82 11.43
N ALA A 184 -2.50 -5.14 11.95
CA ALA A 184 -2.19 -6.42 12.59
C ALA A 184 -2.42 -6.36 14.11
N GLU A 185 -2.16 -7.48 14.81
CA GLU A 185 -2.26 -7.56 16.28
C GLU A 185 -1.55 -6.39 16.97
N GLY A 186 -2.27 -5.76 17.90
CA GLY A 186 -1.72 -4.67 18.68
C GLY A 186 -1.70 -3.38 17.89
N ARG A 187 -2.64 -3.27 16.93
CA ARG A 187 -2.77 -2.08 16.09
C ARG A 187 -1.46 -1.70 15.32
N LYS A 188 -0.74 -2.70 14.80
CA LYS A 188 0.45 -2.46 13.96
C LYS A 188 0.11 -2.31 12.47
N MET A 189 0.62 -1.22 11.90
CA MET A 189 0.44 -0.90 10.48
C MET A 189 1.37 -1.79 9.65
N LYS A 190 0.79 -2.42 8.62
CA LYS A 190 1.53 -3.14 7.59
C LYS A 190 1.21 -2.55 6.24
N ILE A 191 2.22 -1.99 5.57
CA ILE A 191 2.04 -1.52 4.19
C ILE A 191 1.90 -2.72 3.28
N SER A 192 0.92 -2.61 2.39
CA SER A 192 0.40 -3.71 1.62
C SER A 192 0.26 -3.34 0.13
N ASP A 193 -0.15 -4.32 -0.68
CA ASP A 193 -0.46 -4.13 -2.10
C ASP A 193 0.70 -3.53 -2.91
N PHE A 194 1.68 -4.39 -3.11
CA PHE A 194 2.90 -4.10 -3.82
C PHE A 194 2.88 -4.43 -5.32
N GLY A 195 1.72 -4.81 -5.85
CA GLY A 195 1.55 -4.99 -7.30
C GLY A 195 1.95 -3.83 -8.23
N LEU A 196 1.74 -2.58 -7.83
CA LEU A 196 2.12 -1.45 -8.68
C LEU A 196 3.51 -0.82 -8.38
N SER A 197 4.20 -1.34 -7.37
CA SER A 197 5.50 -0.83 -6.96
C SER A 197 6.58 -1.05 -8.00
N ARG A 198 7.45 -0.06 -8.17
CA ARG A 198 8.46 -0.14 -9.20
C ARG A 198 9.84 0.08 -8.65
N ASP A 199 10.83 -0.55 -9.26
CA ASP A 199 12.22 -0.29 -8.92
C ASP A 199 12.68 1.06 -9.50
N VAL A 200 13.25 1.93 -8.65
CA VAL A 200 13.81 3.18 -9.17
C VAL A 200 15.32 3.39 -8.88
N TYR A 201 16.05 2.28 -8.70
CA TYR A 201 17.51 2.31 -8.39
C TYR A 201 18.29 3.22 -9.34
N GLU A 202 18.15 2.90 -10.62
CA GLU A 202 18.82 3.67 -11.66
C GLU A 202 18.46 5.16 -11.56
N GLU A 203 17.25 5.55 -12.01
CA GLU A 203 16.98 6.95 -12.37
C GLU A 203 16.18 7.79 -11.35
N ASP A 204 15.83 7.19 -10.21
CA ASP A 204 14.94 7.82 -9.19
C ASP A 204 13.52 8.30 -9.65
N SER A 205 13.13 7.95 -10.87
CA SER A 205 11.72 8.02 -11.23
C SER A 205 11.28 6.74 -11.97
N PTR A 206 10.01 6.43 -11.84
CA PTR A 206 9.37 5.46 -12.71
C PTR A 206 8.34 6.23 -13.58
O PTR A 206 7.51 6.99 -13.07
CB PTR A 206 8.68 4.36 -11.90
CG PTR A 206 7.76 3.51 -12.72
CD1 PTR A 206 8.26 2.50 -13.56
CD2 PTR A 206 6.39 3.72 -12.66
CE1 PTR A 206 7.41 1.71 -14.32
CE2 PTR A 206 5.52 2.95 -13.44
CZ PTR A 206 6.04 1.95 -14.26
OH PTR A 206 5.19 1.30 -14.92
P PTR A 206 5.36 0.08 -15.99
O1P PTR A 206 5.98 -1.19 -15.41
O2P PTR A 206 3.89 -0.18 -16.35
O3P PTR A 206 6.18 0.59 -17.13
N VAL A 207 8.43 6.02 -14.88
CA VAL A 207 7.61 6.73 -15.84
C VAL A 207 6.82 5.70 -16.63
N LYS A 208 5.53 5.94 -16.73
CA LYS A 208 4.60 5.01 -17.35
C LYS A 208 3.91 5.70 -18.53
N ARG A 209 4.16 5.23 -19.74
CA ARG A 209 3.59 5.88 -20.95
C ARG A 209 2.05 5.85 -21.02
N SER A 210 1.45 4.68 -20.83
CA SER A 210 0.02 4.59 -20.86
C SER A 210 -0.61 5.01 -19.48
N GLN A 211 -1.93 4.99 -19.36
CA GLN A 211 -2.59 5.50 -18.16
C GLN A 211 -2.48 4.55 -16.98
N GLY A 212 -2.22 5.12 -15.82
CA GLY A 212 -2.08 4.35 -14.58
C GLY A 212 -3.37 3.74 -14.09
N ARG A 213 -3.24 2.68 -13.29
CA ARG A 213 -4.37 2.02 -12.62
C ARG A 213 -4.53 2.38 -11.12
N ILE A 214 -3.89 3.45 -10.65
CA ILE A 214 -4.04 4.00 -9.29
C ILE A 214 -5.15 5.02 -9.30
N PRO A 215 -6.02 5.02 -8.29
CA PRO A 215 -7.11 6.01 -8.26
C PRO A 215 -6.63 7.44 -8.37
N VAL A 216 -7.37 8.28 -9.13
CA VAL A 216 -6.89 9.64 -9.39
C VAL A 216 -6.75 10.49 -8.17
N LYS A 217 -7.51 10.20 -7.11
CA LYS A 217 -7.60 11.14 -6.00
C LYS A 217 -6.46 10.96 -5.00
N TRP A 218 -5.63 9.92 -5.22
CA TRP A 218 -4.43 9.66 -4.45
C TRP A 218 -3.13 10.01 -5.19
N MET A 219 -3.27 10.45 -6.44
CA MET A 219 -2.12 10.64 -7.34
C MET A 219 -1.55 12.06 -7.22
N ALA A 220 -0.23 12.17 -7.17
CA ALA A 220 0.45 13.45 -7.24
C ALA A 220 0.11 14.13 -8.55
N ILE A 221 0.15 15.46 -8.54
CA ILE A 221 -0.16 16.24 -9.74
C ILE A 221 0.71 15.91 -10.94
N GLU A 222 2.00 15.65 -10.74
CA GLU A 222 2.89 15.26 -11.84
C GLU A 222 2.69 13.79 -12.28
N SER A 223 2.06 12.99 -11.43
CA SER A 223 1.69 11.62 -11.85
C SER A 223 0.42 11.69 -12.69
N LEU A 224 -0.52 12.52 -12.26
CA LEU A 224 -1.72 12.76 -13.01
C LEU A 224 -1.44 13.27 -14.42
N PHE A 225 -0.72 14.39 -14.47
CA PHE A 225 -0.46 15.09 -15.72
C PHE A 225 0.69 14.52 -16.52
N ASP A 226 1.76 14.04 -15.89
CA ASP A 226 2.97 13.71 -16.65
C ASP A 226 3.45 12.27 -16.56
N HIS A 227 2.72 11.43 -15.81
CA HIS A 227 3.04 10.00 -15.63
C HIS A 227 4.40 9.73 -14.96
N ILE A 228 4.86 10.71 -14.16
CA ILE A 228 6.11 10.60 -13.41
C ILE A 228 5.82 10.13 -11.98
N TYR A 229 6.48 9.05 -11.54
CA TYR A 229 6.30 8.58 -10.16
C TYR A 229 7.62 8.54 -9.43
N THR A 230 7.64 9.11 -8.24
CA THR A 230 8.84 9.11 -7.43
C THR A 230 8.48 8.88 -5.97
N THR A 231 9.49 8.83 -5.12
CA THR A 231 9.28 8.88 -3.70
C THR A 231 8.47 10.14 -3.30
N GLN A 232 8.69 11.24 -4.00
CA GLN A 232 7.94 12.49 -3.76
C GLN A 232 6.45 12.44 -4.20
N SER A 233 6.10 11.52 -5.10
CA SER A 233 4.68 11.27 -5.37
C SER A 233 4.10 10.29 -4.34
N ASP A 234 4.91 9.39 -3.77
CA ASP A 234 4.44 8.59 -2.61
C ASP A 234 4.13 9.50 -1.42
N VAL A 235 4.92 10.56 -1.28
CA VAL A 235 4.70 11.57 -0.26
C VAL A 235 3.37 12.30 -0.43
N TRP A 236 3.10 12.73 -1.66
CA TRP A 236 1.77 13.26 -2.02
C TRP A 236 0.65 12.31 -1.57
N SER A 237 0.77 11.03 -1.92
CA SER A 237 -0.21 9.99 -1.53
C SER A 237 -0.37 9.87 -0.02
N PHE A 238 0.76 9.82 0.69
CA PHE A 238 0.77 9.83 2.16
C PHE A 238 0.02 11.05 2.67
N GLY A 239 0.21 12.20 2.01
CA GLY A 239 -0.57 13.38 2.36
C GLY A 239 -2.04 13.03 2.40
N VAL A 240 -2.51 12.35 1.34
CA VAL A 240 -3.93 11.96 1.22
C VAL A 240 -4.29 10.91 2.25
N LEU A 241 -3.41 9.95 2.42
CA LEU A 241 -3.56 8.97 3.48
C LEU A 241 -3.74 9.63 4.88
N LEU A 242 -2.96 10.68 5.16
CA LEU A 242 -3.09 11.41 6.42
C LEU A 242 -4.50 11.94 6.61
N TRP A 243 -5.03 12.56 5.56
CA TRP A 243 -6.40 13.01 5.54
C TRP A 243 -7.35 11.85 5.83
N GLU A 244 -7.14 10.72 5.15
CA GLU A 244 -8.01 9.56 5.45
C GLU A 244 -7.94 9.18 6.91
N ILE A 245 -6.73 9.25 7.49
CA ILE A 245 -6.51 8.85 8.88
C ILE A 245 -7.26 9.81 9.77
N VAL A 246 -6.92 11.10 9.65
CA VAL A 246 -7.56 12.17 10.41
C VAL A 246 -9.11 12.18 10.31
N THR A 247 -9.68 11.91 9.15
CA THR A 247 -11.16 11.91 8.99
C THR A 247 -11.77 10.56 9.35
N LEU A 248 -10.92 9.64 9.80
CA LEU A 248 -11.34 8.32 10.21
C LEU A 248 -11.96 7.59 9.05
N GLY A 249 -11.20 7.54 7.95
CA GLY A 249 -11.62 6.85 6.74
C GLY A 249 -12.61 7.63 5.88
N GLY A 250 -12.44 8.95 5.79
CA GLY A 250 -13.30 9.76 4.93
C GLY A 250 -12.95 9.53 3.48
N ASN A 251 -13.79 10.05 2.59
CA ASN A 251 -13.58 9.93 1.16
C ASN A 251 -12.92 11.21 0.63
N PRO A 252 -11.68 11.10 0.08
CA PRO A 252 -10.97 12.29 -0.41
C PRO A 252 -11.73 13.06 -1.47
N TYR A 253 -11.54 14.38 -1.46
CA TYR A 253 -12.25 15.31 -2.32
C TYR A 253 -13.72 14.89 -2.44
N PRO A 254 -14.45 14.90 -1.32
CA PRO A 254 -15.82 14.33 -1.33
C PRO A 254 -16.82 15.12 -2.24
N GLY A 255 -17.66 14.39 -2.98
CA GLY A 255 -18.58 15.03 -3.92
C GLY A 255 -17.98 15.37 -5.26
N ILE A 256 -16.64 15.44 -5.33
CA ILE A 256 -15.92 15.86 -6.54
C ILE A 256 -15.57 14.67 -7.47
N PRO A 257 -16.03 14.72 -8.74
CA PRO A 257 -15.76 13.67 -9.71
C PRO A 257 -14.28 13.69 -10.07
N PRO A 258 -13.65 12.52 -10.24
CA PRO A 258 -12.20 12.44 -10.54
C PRO A 258 -11.77 13.30 -11.71
N GLU A 259 -12.58 13.39 -12.75
CA GLU A 259 -12.23 14.15 -13.95
C GLU A 259 -11.97 15.65 -13.64
N ARG A 260 -12.63 16.17 -12.60
CA ARG A 260 -12.47 17.57 -12.22
C ARG A 260 -11.10 17.80 -11.54
N LEU A 261 -10.42 16.70 -11.18
CA LEU A 261 -9.16 16.82 -10.45
C LEU A 261 -8.01 17.43 -11.25
N PHE A 262 -8.05 17.30 -12.57
CA PHE A 262 -7.03 17.93 -13.37
C PHE A 262 -7.01 19.43 -13.09
N ASN A 263 -8.15 20.07 -13.29
CA ASN A 263 -8.20 21.52 -13.25
C ASN A 263 -8.12 22.04 -11.83
N LEU A 264 -8.67 21.27 -10.90
CA LEU A 264 -8.67 21.63 -9.50
C LEU A 264 -7.26 21.64 -8.90
N LEU A 265 -6.45 20.65 -9.24
CA LEU A 265 -5.10 20.62 -8.74
C LEU A 265 -4.21 21.65 -9.45
N LYS A 266 -4.30 21.74 -10.79
CA LYS A 266 -3.46 22.66 -11.56
C LYS A 266 -3.69 24.12 -11.19
N THR A 267 -4.92 24.49 -10.83
CA THR A 267 -5.22 25.86 -10.40
C THR A 267 -4.93 26.05 -8.90
N GLY A 268 -4.20 25.10 -8.30
CA GLY A 268 -3.71 25.23 -6.92
C GLY A 268 -4.64 24.93 -5.75
N HIS A 269 -5.79 24.30 -6.01
CA HIS A 269 -6.69 23.91 -4.95
C HIS A 269 -6.24 22.61 -4.30
N ARG A 270 -6.54 22.49 -3.01
CA ARG A 270 -6.30 21.28 -2.21
C ARG A 270 -7.52 21.09 -1.28
N MET A 271 -7.58 19.97 -0.56
CA MET A 271 -8.69 19.71 0.38
C MET A 271 -8.65 20.66 1.59
N GLU A 272 -9.82 21.13 2.06
CA GLU A 272 -9.91 21.96 3.25
C GLU A 272 -9.36 21.19 4.45
N ARG A 273 -8.99 21.92 5.49
CA ARG A 273 -8.67 21.32 6.78
C ARG A 273 -9.94 20.66 7.26
N PRO A 274 -9.89 19.36 7.60
CA PRO A 274 -11.09 18.69 8.10
C PRO A 274 -11.29 18.99 9.58
N ASP A 275 -12.45 18.61 10.12
CA ASP A 275 -12.73 18.72 11.57
C ASP A 275 -11.80 17.80 12.39
N ASN A 276 -11.50 18.19 13.63
CA ASN A 276 -10.66 17.35 14.48
C ASN A 276 -9.24 17.13 13.87
N CYS A 277 -8.64 18.23 13.42
CA CYS A 277 -7.31 18.24 12.81
C CYS A 277 -6.60 19.53 13.22
N SER A 278 -5.46 19.41 13.87
CA SER A 278 -4.70 20.59 14.31
C SER A 278 -4.23 21.40 13.13
N GLU A 279 -3.79 22.63 13.36
CA GLU A 279 -3.17 23.41 12.28
C GLU A 279 -1.82 22.82 11.84
N GLU A 280 -1.14 22.13 12.75
CA GLU A 280 0.21 21.58 12.47
C GLU A 280 0.07 20.33 11.58
N MET A 281 -0.95 19.52 11.89
CA MET A 281 -1.29 18.35 11.09
C MET A 281 -1.66 18.76 9.66
N TYR A 282 -2.51 19.77 9.52
CA TYR A 282 -2.95 20.24 8.22
C TYR A 282 -1.82 20.81 7.37
N ARG A 283 -0.89 21.53 8.00
CA ARG A 283 0.28 22.10 7.28
C ARG A 283 1.16 21.00 6.72
N LEU A 284 1.28 19.88 7.44
CA LEU A 284 1.96 18.70 6.91
C LEU A 284 1.24 18.15 5.65
N MET A 285 -0.09 18.07 5.69
CA MET A 285 -0.83 17.60 4.52
C MET A 285 -0.45 18.50 3.37
N LEU A 286 -0.55 19.82 3.59
CA LEU A 286 -0.24 20.79 2.53
C LEU A 286 1.18 20.70 2.04
N GLN A 287 2.15 20.47 2.91
CA GLN A 287 3.52 20.30 2.43
C GLN A 287 3.67 19.04 1.58
N CYS A 288 2.90 17.99 1.87
CA CYS A 288 2.94 16.79 1.02
C CYS A 288 2.30 17.06 -0.36
N TRP A 289 1.39 18.03 -0.42
CA TRP A 289 0.64 18.35 -1.64
C TRP A 289 1.20 19.56 -2.43
N LYS A 290 2.43 19.95 -2.12
CA LYS A 290 3.10 21.02 -2.85
C LYS A 290 3.17 20.68 -4.32
N GLN A 291 2.94 21.68 -5.16
CA GLN A 291 3.08 21.49 -6.62
C GLN A 291 4.44 20.97 -7.01
N GLU A 292 5.50 21.59 -6.47
CA GLU A 292 6.89 21.19 -6.82
C GLU A 292 7.32 20.08 -5.91
N PRO A 293 7.61 18.89 -6.46
CA PRO A 293 8.02 17.69 -5.70
C PRO A 293 9.15 17.92 -4.68
N ASP A 294 10.12 18.78 -5.02
CA ASP A 294 11.27 19.08 -4.19
C ASP A 294 10.93 19.87 -2.92
N LYS A 295 9.82 20.62 -2.94
CA LYS A 295 9.35 21.35 -1.74
C LYS A 295 8.65 20.48 -0.68
N ARG A 296 8.35 19.24 -1.03
CA ARG A 296 7.65 18.32 -0.14
C ARG A 296 8.68 17.69 0.85
N PRO A 297 8.21 17.26 2.03
CA PRO A 297 9.24 16.63 2.85
C PRO A 297 9.50 15.20 2.38
N VAL A 298 10.66 14.66 2.76
CA VAL A 298 11.00 13.26 2.58
C VAL A 298 10.41 12.53 3.77
N PHE A 299 10.28 11.21 3.66
CA PHE A 299 9.64 10.45 4.73
C PHE A 299 10.27 10.58 6.12
N ALA A 300 11.58 10.77 6.16
CA ALA A 300 12.30 11.02 7.42
C ALA A 300 11.86 12.31 8.13
N ASP A 301 11.63 13.38 7.37
CA ASP A 301 11.10 14.60 7.97
C ASP A 301 9.67 14.42 8.37
N ILE A 302 8.91 13.63 7.60
CA ILE A 302 7.53 13.31 7.98
C ILE A 302 7.49 12.61 9.32
N SER A 303 8.32 11.57 9.49
CA SER A 303 8.40 10.85 10.75
C SER A 303 8.76 11.82 11.93
N LYS A 304 9.77 12.68 11.72
CA LYS A 304 10.13 13.73 12.71
C LYS A 304 8.99 14.68 13.06
N ASP A 305 8.28 15.17 12.04
CA ASP A 305 7.07 15.97 12.23
C ASP A 305 6.03 15.25 13.08
N LEU A 306 5.90 13.95 12.90
CA LEU A 306 4.82 13.21 13.57
C LEU A 306 5.18 12.87 15.03
N GLU A 307 6.44 12.48 15.25
CA GLU A 307 7.03 12.33 16.57
C GLU A 307 6.87 13.61 17.40
N LYS A 308 7.18 14.76 16.79
CA LYS A 308 7.07 16.06 17.42
C LYS A 308 5.62 16.38 17.80
N MET A 309 4.64 15.89 17.04
CA MET A 309 3.23 16.21 17.36
C MET A 309 2.76 15.32 18.48
N MET A 310 3.23 14.07 18.44
CA MET A 310 2.89 13.07 19.43
C MET A 310 3.34 13.59 20.81
N VAL A 311 4.61 13.96 20.90
CA VAL A 311 5.21 14.37 22.15
C VAL A 311 4.58 15.67 22.72
N LYS A 312 4.25 16.65 21.86
CA LYS A 312 3.61 17.92 22.29
C LYS A 312 2.16 17.79 22.88
N ARG A 313 1.46 16.71 22.52
CA ARG A 313 0.03 16.54 22.83
C ARG A 313 -0.25 16.37 24.35
C FMT B . -2.25 12.47 -18.45
O1 FMT B . -2.19 11.47 -19.19
O2 FMT B . -2.87 13.54 -18.61
C FMT C . -0.60 1.04 -13.13
O1 FMT C . 0.42 0.52 -13.48
O2 FMT C . -0.56 2.22 -12.82
CAK ZD6 D . -10.44 -9.23 10.02
CAM ZD6 D . -11.74 -8.67 10.61
NBD ZD6 D . -12.95 -9.13 9.90
CAB ZD6 D . -13.97 -8.10 10.20
CAN ZD6 D . -12.88 -9.21 8.41
CAL ZD6 D . -11.53 -9.74 7.89
CBC ZD6 D . -10.38 -8.96 8.53
CAO ZD6 D . -9.03 -9.41 7.96
OAT ZD6 D . -8.98 -8.74 6.72
CAY ZD6 D . -7.85 -8.90 5.96
CAI ZD6 D . -6.67 -9.44 6.45
CAX ZD6 D . -7.92 -8.48 4.65
OAS ZD6 D . -9.13 -7.95 4.24
CAA ZD6 D . -9.34 -7.65 2.84
CAJ ZD6 D . -6.79 -8.59 3.83
C5 ZD6 D . -5.60 -9.12 4.34
C4 ZD6 D . -5.56 -9.56 5.65
N3 ZD6 D . -4.40 -10.07 6.15
C2 ZD6 D . -3.32 -10.18 5.39
N1 ZD6 D . -3.33 -9.81 4.11
C6 ZD6 D . -4.44 -9.27 3.55
NAR ZD6 D . -4.41 -8.86 2.17
CAW ZD6 D . -3.31 -9.17 1.34
CAF ZD6 D . -2.59 -8.15 0.73
CAE ZD6 D . -1.53 -8.48 -0.12
CAU ZD6 D . -1.22 -9.82 -0.33
BR ZD6 D . 0.20 -10.47 -1.42
CAH ZD6 D . -1.96 -10.81 0.28
CAV ZD6 D . -2.98 -10.49 1.09
FAC ZD6 D . -3.63 -11.53 1.62
#